data_5TWG
#
_entry.id   5TWG
#
_cell.length_a   60.660
_cell.length_b   60.660
_cell.length_c   138.310
_cell.angle_alpha   90.00
_cell.angle_beta   90.00
_cell.angle_gamma   90.00
#
_symmetry.space_group_name_H-M   'P 43 21 2'
#
loop_
_entity.id
_entity.type
_entity.pdbx_description
1 polymer 'MOB kinase activator 1A'
2 polymer 'T353 peptide'
3 non-polymer 'ZINC ION'
4 water water
#
loop_
_entity_poly.entity_id
_entity_poly.type
_entity_poly.pdbx_seq_one_letter_code
_entity_poly.pdbx_strand_id
1 'polypeptide(L)'
;MSFLFSSRSSKTFKPKKNIPEGSHQYELLKHAEATLGSGNLRQAVMLPEGEDLNEWIAVNTVDFFNQINMLYGTITEFCT
EASCPVMSAGPRYEYHWADGTNIKKPIKCSAPKYIDYLMTWVQDQLDDETLFPSKIGVPFPKNFMSVAKTILKRLFRVYA
HIYHQHFDSVMQLQEEAHLNTSFKHFIFFVQEFNLIDRRELAPLQELIEKLGSKDR
;
A
2 'polypeptide(L)' VASTMTDGAN(TPO)MIEP E
#
loop_
_chem_comp.id
_chem_comp.type
_chem_comp.name
_chem_comp.formula
ZN non-polymer 'ZINC ION' 'Zn 2'
#
# COMPACT_ATOMS: atom_id res chain seq x y z
N PRO A 15 7.16 21.37 -6.88
CA PRO A 15 6.05 20.42 -6.79
C PRO A 15 4.76 20.83 -7.58
N LYS A 16 3.76 19.94 -7.59
CA LYS A 16 2.44 20.26 -8.13
C LYS A 16 1.82 21.46 -7.41
N LYS A 17 1.29 22.42 -8.19
CA LYS A 17 0.61 23.61 -7.70
C LYS A 17 -0.88 23.54 -8.03
N ASN A 18 -1.59 24.64 -7.80
CA ASN A 18 -3.03 24.70 -8.01
C ASN A 18 -3.42 25.66 -9.14
N SER A 23 -10.73 17.79 -8.46
CA SER A 23 -10.52 18.86 -7.51
C SER A 23 -11.24 18.57 -6.20
N HIS A 24 -12.34 17.82 -6.28
CA HIS A 24 -12.94 17.40 -5.02
C HIS A 24 -12.12 16.29 -4.36
N GLN A 25 -11.73 15.28 -5.15
CA GLN A 25 -10.79 14.27 -4.64
C GLN A 25 -9.52 14.94 -4.15
N TYR A 26 -9.08 16.01 -4.82
CA TYR A 26 -7.85 16.68 -4.35
C TYR A 26 -8.05 17.40 -3.01
N GLU A 27 -9.21 18.09 -2.74
CA GLU A 27 -9.40 18.57 -1.35
C GLU A 27 -9.48 17.40 -0.42
N LEU A 28 -10.19 16.33 -0.84
CA LEU A 28 -10.29 15.16 0.01
C LEU A 28 -8.91 14.68 0.42
N LEU A 29 -7.98 14.64 -0.55
CA LEU A 29 -6.59 14.25 -0.25
C LEU A 29 -5.91 15.20 0.73
N LYS A 30 -5.99 16.51 0.48
CA LYS A 30 -5.31 17.45 1.39
C LYS A 30 -6.01 17.48 2.76
N HIS A 31 -7.32 17.22 2.77
CA HIS A 31 -8.10 17.01 3.98
C HIS A 31 -7.54 15.81 4.77
N ALA A 32 -7.31 14.71 4.09
CA ALA A 32 -6.84 13.49 4.76
C ALA A 32 -5.43 13.69 5.29
N GLU A 33 -4.57 14.36 4.51
CA GLU A 33 -3.19 14.56 4.91
C GLU A 33 -3.10 15.49 6.09
N ALA A 34 -3.86 16.58 6.06
CA ALA A 34 -3.76 17.59 7.11
C ALA A 34 -4.32 17.07 8.41
N THR A 35 -5.51 16.47 8.37
CA THR A 35 -6.13 16.01 9.62
C THR A 35 -5.29 14.97 10.37
N LEU A 36 -4.39 14.25 9.69
CA LEU A 36 -3.46 13.35 10.41
C LEU A 36 -2.64 14.07 11.46
N GLY A 37 -2.41 15.38 11.29
CA GLY A 37 -1.57 16.10 12.22
C GLY A 37 -2.13 16.24 13.63
N SER A 38 -3.36 15.76 13.87
CA SER A 38 -3.91 15.73 15.23
C SER A 38 -3.26 14.65 16.10
N GLY A 39 -2.44 13.77 15.50
CA GLY A 39 -1.83 12.68 16.22
C GLY A 39 -2.74 11.52 16.47
N ASN A 40 -4.05 11.70 16.35
CA ASN A 40 -4.95 10.59 16.61
C ASN A 40 -5.36 10.01 15.27
N LEU A 41 -4.67 8.95 14.87
CA LEU A 41 -4.87 8.46 13.52
C LEU A 41 -6.16 7.68 13.38
N ARG A 42 -6.66 7.11 14.49
CA ARG A 42 -7.88 6.34 14.44
C ARG A 42 -9.06 7.20 14.01
N GLN A 43 -9.15 8.42 14.55
CA GLN A 43 -10.21 9.36 14.12
C GLN A 43 -9.93 9.95 12.73
N ALA A 44 -8.66 10.28 12.43
CA ALA A 44 -8.38 10.97 11.18
C ALA A 44 -8.71 10.11 9.97
N VAL A 45 -8.66 8.77 10.12
CA VAL A 45 -8.89 7.92 8.96
C VAL A 45 -10.37 7.68 8.67
N MET A 46 -11.28 8.18 9.52
CA MET A 46 -12.68 7.84 9.36
C MET A 46 -13.32 8.65 8.24
N LEU A 47 -14.31 8.05 7.62
CA LEU A 47 -15.06 8.65 6.53
C LEU A 47 -15.65 10.01 6.95
N PRO A 48 -15.25 11.12 6.34
CA PRO A 48 -15.82 12.41 6.74
C PRO A 48 -17.32 12.43 6.43
N GLU A 49 -18.00 13.33 7.12
CA GLU A 49 -19.46 13.35 7.04
C GLU A 49 -19.93 13.48 5.60
N GLY A 50 -20.79 12.56 5.17
CA GLY A 50 -21.42 12.63 3.87
C GLY A 50 -20.53 12.34 2.68
N GLU A 51 -19.24 11.99 2.88
CA GLU A 51 -18.38 11.63 1.75
C GLU A 51 -18.75 10.27 1.20
N ASP A 52 -18.50 10.09 -0.09
CA ASP A 52 -18.65 8.79 -0.72
C ASP A 52 -17.58 7.83 -0.17
N LEU A 53 -18.00 6.69 0.38
CA LEU A 53 -17.04 5.77 0.96
C LEU A 53 -15.98 5.36 -0.06
N ASN A 54 -16.41 4.93 -1.26
CA ASN A 54 -15.46 4.56 -2.32
C ASN A 54 -14.48 5.68 -2.64
N GLU A 55 -14.98 6.91 -2.80
CA GLU A 55 -14.09 8.04 -3.07
C GLU A 55 -13.09 8.26 -1.93
N TRP A 56 -13.52 8.15 -0.67
CA TRP A 56 -12.57 8.24 0.45
C TRP A 56 -11.48 7.16 0.35
N ILE A 57 -11.90 5.91 0.13
CA ILE A 57 -10.95 4.81 -0.01
C ILE A 57 -10.04 5.03 -1.24
N ALA A 58 -10.63 5.42 -2.37
CA ALA A 58 -9.84 5.65 -3.57
C ALA A 58 -8.76 6.71 -3.35
N VAL A 59 -9.11 7.82 -2.70
CA VAL A 59 -8.16 8.93 -2.48
C VAL A 59 -7.01 8.49 -1.58
N ASN A 60 -7.33 7.76 -0.50
CA ASN A 60 -6.29 7.26 0.40
C ASN A 60 -5.47 6.14 -0.21
N THR A 61 -6.11 5.25 -0.97
CA THR A 61 -5.36 4.23 -1.68
C THR A 61 -4.29 4.81 -2.59
N VAL A 62 -4.62 5.85 -3.37
CA VAL A 62 -3.63 6.51 -4.21
C VAL A 62 -2.49 7.06 -3.35
N ASP A 63 -2.84 7.78 -2.29
CA ASP A 63 -1.79 8.37 -1.47
C ASP A 63 -0.91 7.29 -0.86
N PHE A 64 -1.50 6.16 -0.48
CA PHE A 64 -0.70 5.06 0.05
C PHE A 64 0.23 4.51 -1.01
N PHE A 65 -0.29 4.33 -2.23
CA PHE A 65 0.58 3.90 -3.34
C PHE A 65 1.74 4.86 -3.53
N ASN A 66 1.48 6.16 -3.43
CA ASN A 66 2.52 7.16 -3.65
C ASN A 66 3.55 7.12 -2.53
N GLN A 67 3.09 7.17 -1.27
CA GLN A 67 4.00 7.06 -0.12
C GLN A 67 4.86 5.82 -0.22
N ILE A 68 4.22 4.64 -0.28
CA ILE A 68 4.97 3.41 -0.35
C ILE A 68 5.86 3.40 -1.59
N ASN A 69 5.46 4.06 -2.67
CA ASN A 69 6.35 4.08 -3.82
C ASN A 69 7.62 4.86 -3.53
N MET A 70 7.51 5.96 -2.78
CA MET A 70 8.71 6.75 -2.49
C MET A 70 9.51 6.18 -1.32
N LEU A 71 8.82 5.66 -0.30
CA LEU A 71 9.50 4.92 0.75
C LEU A 71 10.38 3.81 0.16
N TYR A 72 9.81 2.93 -0.67
CA TYR A 72 10.66 1.90 -1.29
C TYR A 72 11.75 2.52 -2.17
N GLY A 73 11.44 3.67 -2.79
CA GLY A 73 12.41 4.35 -3.62
C GLY A 73 13.62 4.85 -2.87
N THR A 74 13.48 5.08 -1.57
CA THR A 74 14.65 5.50 -0.80
C THR A 74 15.63 4.34 -0.54
N ILE A 75 15.14 3.11 -0.37
CA ILE A 75 16.01 1.96 -0.12
C ILE A 75 16.30 1.15 -1.39
N THR A 76 15.88 1.67 -2.55
CA THR A 76 15.97 0.93 -3.82
C THR A 76 17.36 0.36 -4.08
N GLU A 77 18.42 1.05 -3.66
CA GLU A 77 19.75 0.58 -4.02
C GLU A 77 20.19 -0.62 -3.18
N PHE A 78 19.55 -0.88 -2.03
CA PHE A 78 19.91 -2.05 -1.22
C PHE A 78 19.10 -3.28 -1.54
N CYS A 79 18.03 -3.14 -2.31
CA CYS A 79 17.18 -4.25 -2.69
C CYS A 79 17.50 -4.63 -4.13
N THR A 80 18.17 -5.76 -4.29
CA THR A 80 18.73 -6.16 -5.57
C THR A 80 18.47 -7.63 -5.78
N GLU A 81 18.59 -8.05 -7.04
CA GLU A 81 18.49 -9.48 -7.35
C GLU A 81 19.45 -10.27 -6.48
N ALA A 82 20.60 -9.67 -6.11
CA ALA A 82 21.61 -10.35 -5.30
C ALA A 82 21.24 -10.38 -3.82
N SER A 83 20.73 -9.27 -3.28
CA SER A 83 20.33 -9.23 -1.87
C SER A 83 19.04 -10.03 -1.64
N CYS A 84 18.06 -9.94 -2.53
CA CYS A 84 16.72 -10.49 -2.30
C CYS A 84 16.28 -11.36 -3.47
N PRO A 85 16.76 -12.62 -3.52
CA PRO A 85 16.42 -13.50 -4.65
C PRO A 85 14.95 -13.89 -4.70
N VAL A 86 14.19 -13.69 -3.63
CA VAL A 86 12.74 -13.91 -3.65
C VAL A 86 12.06 -12.76 -2.90
N MET A 87 10.74 -12.64 -3.10
CA MET A 87 9.98 -11.70 -2.29
C MET A 87 9.73 -12.32 -0.93
N SER A 88 10.28 -11.70 0.11
CA SER A 88 10.24 -12.23 1.46
C SER A 88 9.67 -11.19 2.41
N ALA A 89 8.85 -11.63 3.35
CA ALA A 89 8.65 -10.89 4.60
C ALA A 89 9.11 -11.85 5.69
N GLY A 90 10.39 -11.73 6.10
CA GLY A 90 11.02 -12.77 6.88
C GLY A 90 11.16 -14.09 6.12
N PRO A 91 11.81 -15.07 6.76
CA PRO A 91 11.88 -16.40 6.14
C PRO A 91 10.56 -17.19 6.21
N ARG A 92 9.61 -16.76 7.04
CA ARG A 92 8.35 -17.48 7.15
C ARG A 92 7.39 -17.13 6.03
N TYR A 93 7.60 -16.03 5.29
CA TYR A 93 6.66 -15.61 4.27
C TYR A 93 7.38 -15.24 2.97
N GLU A 94 6.87 -15.78 1.86
CA GLU A 94 7.41 -15.54 0.54
C GLU A 94 6.26 -15.24 -0.42
N TYR A 95 6.52 -14.42 -1.43
CA TYR A 95 5.45 -14.00 -2.34
C TYR A 95 5.83 -14.24 -3.79
N HIS A 96 4.91 -14.85 -4.53
CA HIS A 96 5.05 -15.07 -5.96
C HIS A 96 3.98 -14.30 -6.70
N TRP A 97 4.36 -13.76 -7.86
CA TRP A 97 3.55 -12.80 -8.58
C TRP A 97 2.54 -13.46 -9.52
N ALA A 98 1.28 -13.04 -9.42
CA ALA A 98 0.24 -13.39 -10.38
C ALA A 98 -0.84 -12.32 -10.34
N ASP A 99 -1.63 -12.23 -11.42
CA ASP A 99 -2.81 -11.36 -11.45
C ASP A 99 -4.11 -12.20 -11.21
N GLY A 100 -4.44 -13.21 -12.04
CA GLY A 100 -3.90 -13.42 -13.36
C GLY A 100 -4.66 -12.77 -14.49
N THR A 101 -3.91 -12.07 -15.34
CA THR A 101 -4.35 -11.60 -16.64
C THR A 101 -3.21 -11.91 -17.60
N ASN A 102 -2.09 -11.19 -17.42
CA ASN A 102 -0.86 -11.51 -18.13
C ASN A 102 -0.11 -12.67 -17.49
N ILE A 103 -0.17 -12.82 -16.17
CA ILE A 103 0.41 -13.97 -15.46
C ILE A 103 -0.66 -14.54 -14.53
N LYS A 104 -1.19 -15.71 -14.88
CA LYS A 104 -2.23 -16.36 -14.07
C LYS A 104 -1.71 -17.40 -13.08
N LYS A 105 -0.49 -17.90 -13.27
CA LYS A 105 0.10 -18.89 -12.36
C LYS A 105 1.22 -18.23 -11.59
N PRO A 106 1.20 -18.24 -10.24
CA PRO A 106 2.19 -17.46 -9.47
C PRO A 106 3.63 -17.81 -9.84
N ILE A 107 4.46 -16.78 -10.06
CA ILE A 107 5.82 -16.96 -10.57
C ILE A 107 6.84 -16.54 -9.52
N LYS A 108 7.75 -17.46 -9.20
CA LYS A 108 8.87 -17.15 -8.31
C LYS A 108 9.76 -16.11 -8.97
N CYS A 109 9.97 -15.00 -8.28
CA CYS A 109 10.85 -13.96 -8.79
C CYS A 109 11.47 -13.23 -7.61
N SER A 110 12.40 -12.34 -7.94
CA SER A 110 13.13 -11.52 -6.99
C SER A 110 12.22 -10.43 -6.42
N ALA A 111 12.63 -9.92 -5.25
CA ALA A 111 11.86 -8.85 -4.64
C ALA A 111 11.84 -7.58 -5.46
N PRO A 112 12.95 -7.11 -6.06
CA PRO A 112 12.82 -5.98 -6.98
C PRO A 112 11.90 -6.27 -8.16
N LYS A 113 12.06 -7.41 -8.84
CA LYS A 113 11.17 -7.72 -9.97
C LYS A 113 9.71 -7.80 -9.52
N TYR A 114 9.44 -8.54 -8.44
CA TYR A 114 8.08 -8.66 -7.95
C TYR A 114 7.49 -7.27 -7.62
N ILE A 115 8.24 -6.44 -6.91
CA ILE A 115 7.71 -5.13 -6.54
C ILE A 115 7.44 -4.31 -7.80
N ASP A 116 8.29 -4.45 -8.82
CA ASP A 116 8.04 -3.82 -10.12
C ASP A 116 6.70 -4.25 -10.68
N TYR A 117 6.46 -5.56 -10.75
CA TYR A 117 5.20 -6.09 -11.25
C TYR A 117 4.02 -5.56 -10.42
N LEU A 118 4.17 -5.57 -9.10
CA LEU A 118 3.07 -5.08 -8.26
C LEU A 118 2.86 -3.59 -8.46
N MET A 119 3.93 -2.82 -8.55
CA MET A 119 3.76 -1.38 -8.66
C MET A 119 3.23 -0.99 -10.03
N THR A 120 3.74 -1.62 -11.08
CA THR A 120 3.19 -1.38 -12.42
C THR A 120 1.74 -1.78 -12.48
N TRP A 121 1.38 -2.88 -11.80
CA TRP A 121 0.01 -3.33 -11.83
C TRP A 121 -0.89 -2.36 -11.05
N VAL A 122 -0.47 -1.93 -9.87
CA VAL A 122 -1.28 -0.94 -9.14
C VAL A 122 -1.48 0.29 -10.01
N GLN A 123 -0.38 0.84 -10.54
CA GLN A 123 -0.48 1.99 -11.44
C GLN A 123 -1.48 1.74 -12.56
N ASP A 124 -1.43 0.55 -13.17
CA ASP A 124 -2.30 0.24 -14.30
C ASP A 124 -3.77 0.28 -13.88
N GLN A 125 -4.06 -0.14 -12.66
CA GLN A 125 -5.44 -0.05 -12.19
C GLN A 125 -5.82 1.40 -11.88
N LEU A 126 -4.88 2.22 -11.37
CA LEU A 126 -5.17 3.62 -11.11
C LEU A 126 -5.43 4.42 -12.38
N ASP A 127 -4.83 4.02 -13.50
CA ASP A 127 -4.99 4.66 -14.80
C ASP A 127 -6.19 4.12 -15.57
N ASP A 128 -6.94 3.22 -14.96
CA ASP A 128 -8.11 2.60 -15.57
C ASP A 128 -9.33 3.40 -15.15
N GLU A 129 -9.91 4.14 -16.09
CA GLU A 129 -11.00 5.06 -15.72
C GLU A 129 -12.29 4.33 -15.34
N THR A 130 -12.44 3.07 -15.75
CA THR A 130 -13.58 2.29 -15.27
C THR A 130 -13.49 2.07 -13.76
N LEU A 131 -12.28 1.81 -13.24
CA LEU A 131 -12.08 1.56 -11.81
C LEU A 131 -11.96 2.84 -10.98
N PHE A 132 -11.20 3.82 -11.45
CA PHE A 132 -10.93 5.06 -10.74
C PHE A 132 -11.37 6.20 -11.62
N PRO A 133 -12.66 6.55 -11.64
CA PRO A 133 -13.13 7.57 -12.57
C PRO A 133 -12.57 8.94 -12.21
N SER A 134 -11.99 9.62 -13.19
CA SER A 134 -11.52 10.96 -12.88
C SER A 134 -12.63 11.99 -13.03
N LYS A 135 -13.74 11.64 -13.67
CA LYS A 135 -14.91 12.51 -13.68
C LYS A 135 -15.67 12.37 -12.37
N ILE A 136 -15.95 13.51 -11.72
CA ILE A 136 -16.42 13.53 -10.34
C ILE A 136 -17.85 13.00 -10.17
N GLY A 137 -18.65 12.93 -11.23
CA GLY A 137 -20.00 12.41 -11.14
C GLY A 137 -20.18 10.94 -11.52
N VAL A 138 -19.13 10.26 -11.96
CA VAL A 138 -19.26 8.87 -12.42
C VAL A 138 -19.09 7.96 -11.22
N PRO A 139 -20.12 7.14 -10.87
CA PRO A 139 -19.96 6.24 -9.70
C PRO A 139 -18.78 5.30 -9.85
N PHE A 140 -18.18 4.92 -8.72
CA PHE A 140 -17.17 3.87 -8.74
C PHE A 140 -17.83 2.55 -9.09
N PRO A 141 -17.07 1.57 -9.62
CA PRO A 141 -17.72 0.33 -10.03
C PRO A 141 -18.21 -0.42 -8.80
N LYS A 142 -19.17 -1.30 -9.05
CA LYS A 142 -19.74 -2.13 -8.01
C LYS A 142 -18.69 -3.02 -7.35
N ASN A 143 -17.70 -3.48 -8.12
CA ASN A 143 -16.58 -4.26 -7.60
C ASN A 143 -15.45 -3.38 -7.09
N PHE A 144 -15.64 -2.07 -7.00
CA PHE A 144 -14.52 -1.22 -6.59
C PHE A 144 -13.97 -1.68 -5.25
N MET A 145 -14.86 -1.95 -4.28
CA MET A 145 -14.41 -2.35 -2.96
C MET A 145 -13.46 -3.55 -3.04
N SER A 146 -13.82 -4.55 -3.84
CA SER A 146 -12.93 -5.69 -4.00
C SER A 146 -11.62 -5.27 -4.68
N VAL A 147 -11.70 -4.37 -5.66
CA VAL A 147 -10.50 -3.96 -6.37
C VAL A 147 -9.54 -3.22 -5.45
N ALA A 148 -10.08 -2.37 -4.57
CA ALA A 148 -9.20 -1.64 -3.65
C ALA A 148 -8.60 -2.57 -2.61
N LYS A 149 -9.37 -3.57 -2.16
CA LYS A 149 -8.83 -4.47 -1.14
C LYS A 149 -7.63 -5.23 -1.69
N THR A 150 -7.71 -5.69 -2.95
CA THR A 150 -6.58 -6.34 -3.58
C THR A 150 -5.36 -5.41 -3.68
N ILE A 151 -5.58 -4.13 -4.01
CA ILE A 151 -4.46 -3.19 -4.15
C ILE A 151 -3.72 -3.04 -2.84
N LEU A 152 -4.46 -2.77 -1.76
CA LEU A 152 -3.87 -2.47 -0.46
C LEU A 152 -3.21 -3.70 0.14
N LYS A 153 -3.84 -4.87 -0.06
CA LYS A 153 -3.27 -6.12 0.39
C LYS A 153 -1.87 -6.33 -0.14
N ARG A 154 -1.64 -5.93 -1.41
CA ARG A 154 -0.34 -6.13 -2.01
C ARG A 154 0.64 -5.04 -1.66
N LEU A 155 0.15 -3.79 -1.49
CA LEU A 155 1.00 -2.71 -0.99
C LEU A 155 1.57 -3.05 0.37
N PHE A 156 0.76 -3.65 1.26
CA PHE A 156 1.26 -4.06 2.58
C PHE A 156 2.52 -4.91 2.45
N ARG A 157 2.56 -5.80 1.46
CA ARG A 157 3.74 -6.65 1.35
C ARG A 157 4.98 -5.86 0.98
N VAL A 158 4.85 -4.61 0.54
CA VAL A 158 6.04 -3.80 0.30
C VAL A 158 6.58 -3.25 1.62
N TYR A 159 5.68 -2.81 2.52
CA TYR A 159 6.10 -2.52 3.89
C TYR A 159 6.73 -3.74 4.52
N ALA A 160 6.11 -4.90 4.32
CA ALA A 160 6.57 -6.10 5.00
C ALA A 160 8.00 -6.44 4.62
N HIS A 161 8.33 -6.34 3.33
CA HIS A 161 9.68 -6.69 2.91
C HIS A 161 10.69 -5.64 3.38
N ILE A 162 10.32 -4.35 3.37
CA ILE A 162 11.23 -3.31 3.82
C ILE A 162 11.53 -3.48 5.29
N TYR A 163 10.49 -3.76 6.08
CA TYR A 163 10.68 -3.93 7.50
C TYR A 163 11.61 -5.11 7.80
N HIS A 164 11.31 -6.30 7.24
CA HIS A 164 12.03 -7.50 7.65
C HIS A 164 13.46 -7.56 7.11
N GLN A 165 13.75 -6.89 6.00
CA GLN A 165 15.00 -7.09 5.28
C GLN A 165 15.85 -5.82 5.29
N HIS A 166 15.31 -4.74 4.76
CA HIS A 166 16.02 -3.50 4.54
C HIS A 166 15.87 -2.49 5.67
N PHE A 167 15.43 -2.91 6.85
CA PHE A 167 15.25 -1.92 7.91
C PHE A 167 16.57 -1.27 8.33
N ASP A 168 17.69 -2.02 8.33
CA ASP A 168 18.96 -1.35 8.63
C ASP A 168 19.20 -0.20 7.66
N SER A 169 18.93 -0.42 6.37
CA SER A 169 19.08 0.65 5.40
C SER A 169 18.10 1.78 5.67
N VAL A 170 16.87 1.46 6.07
CA VAL A 170 15.90 2.51 6.38
C VAL A 170 16.44 3.40 7.49
N MET A 171 17.04 2.80 8.51
CA MET A 171 17.58 3.59 9.60
C MET A 171 18.92 4.25 9.27
N GLN A 172 19.71 3.68 8.35
CA GLN A 172 20.96 4.33 7.93
C GLN A 172 20.67 5.65 7.21
N LEU A 173 19.77 5.61 6.22
CA LEU A 173 19.06 6.82 5.81
C LEU A 173 18.20 7.30 6.98
N GLN A 174 17.79 8.54 6.95
CA GLN A 174 17.09 9.03 8.11
C GLN A 174 15.60 8.66 8.08
N GLU A 175 15.23 7.64 7.30
CA GLU A 175 13.88 7.37 6.84
C GLU A 175 13.00 6.54 7.80
N GLU A 176 13.42 6.32 9.05
CA GLU A 176 12.63 5.47 9.94
C GLU A 176 11.28 6.09 10.32
N ALA A 177 11.28 7.37 10.69
CA ALA A 177 10.02 8.01 11.13
C ALA A 177 9.02 8.08 9.99
N HIS A 178 9.48 8.47 8.78
CA HIS A 178 8.67 8.41 7.57
C HIS A 178 8.02 7.05 7.40
N LEU A 179 8.81 6.00 7.46
CA LEU A 179 8.26 4.68 7.21
C LEU A 179 7.28 4.29 8.31
N ASN A 180 7.61 4.63 9.56
CA ASN A 180 6.78 4.26 10.68
C ASN A 180 5.45 5.02 10.66
N THR A 181 5.49 6.33 10.40
CA THR A 181 4.24 7.09 10.40
C THR A 181 3.35 6.67 9.25
N SER A 182 3.94 6.41 8.07
CA SER A 182 3.13 5.99 6.94
C SER A 182 2.51 4.62 7.18
N PHE A 183 3.26 3.72 7.82
CA PHE A 183 2.72 2.38 8.10
C PHE A 183 1.60 2.45 9.13
N LYS A 184 1.81 3.21 10.22
CA LYS A 184 0.75 3.41 11.21
C LYS A 184 -0.52 3.92 10.54
N HIS A 185 -0.38 4.99 9.75
CA HIS A 185 -1.50 5.51 8.98
C HIS A 185 -2.16 4.42 8.12
N PHE A 186 -1.34 3.69 7.37
CA PHE A 186 -1.82 2.60 6.52
C PHE A 186 -2.59 1.55 7.32
N ILE A 187 -2.02 1.06 8.43
CA ILE A 187 -2.68 -0.02 9.18
C ILE A 187 -3.98 0.47 9.79
N PHE A 188 -4.00 1.69 10.33
CA PHE A 188 -5.22 2.19 10.96
C PHE A 188 -6.31 2.37 9.93
N PHE A 189 -5.96 2.90 8.75
CA PHE A 189 -6.93 3.00 7.65
C PHE A 189 -7.46 1.62 7.23
N VAL A 190 -6.56 0.67 7.04
CA VAL A 190 -7.01 -0.65 6.61
C VAL A 190 -7.92 -1.27 7.65
N GLN A 191 -7.57 -1.12 8.92
CA GLN A 191 -8.40 -1.66 9.98
C GLN A 191 -9.78 -1.00 10.02
N GLU A 192 -9.84 0.33 9.85
CA GLU A 192 -11.11 1.06 9.98
C GLU A 192 -12.13 0.58 8.96
N PHE A 193 -11.70 0.31 7.73
CA PHE A 193 -12.59 -0.07 6.64
C PHE A 193 -12.59 -1.56 6.29
N ASN A 194 -11.92 -2.42 7.08
CA ASN A 194 -11.94 -3.87 6.85
C ASN A 194 -11.36 -4.22 5.49
N LEU A 195 -10.22 -3.63 5.15
CA LEU A 195 -9.67 -3.80 3.82
C LEU A 195 -8.63 -4.91 3.69
N ILE A 196 -8.13 -5.46 4.79
CA ILE A 196 -7.13 -6.53 4.76
C ILE A 196 -7.44 -7.53 5.88
N ASP A 197 -7.29 -8.83 5.59
CA ASP A 197 -7.52 -9.92 6.55
C ASP A 197 -6.31 -10.10 7.47
N ARG A 198 -6.56 -10.64 8.68
CA ARG A 198 -5.46 -10.99 9.59
C ARG A 198 -4.44 -11.91 8.92
N ARG A 199 -4.94 -12.81 8.12
CA ARG A 199 -4.13 -13.72 7.41
C ARG A 199 -2.98 -13.03 6.71
N GLU A 200 -3.26 -11.94 6.04
CA GLU A 200 -2.24 -11.23 5.26
C GLU A 200 -1.32 -10.34 6.10
N LEU A 201 -1.76 -9.86 7.26
CA LEU A 201 -0.96 -8.96 8.11
C LEU A 201 -0.05 -9.71 9.08
N ALA A 202 -0.11 -11.03 9.08
CA ALA A 202 0.74 -11.85 9.95
C ALA A 202 2.24 -11.58 9.81
N PRO A 203 2.81 -11.28 8.64
CA PRO A 203 4.26 -10.97 8.62
C PRO A 203 4.64 -9.82 9.56
N LEU A 204 3.79 -8.81 9.69
CA LEU A 204 4.04 -7.66 10.56
C LEU A 204 3.30 -7.75 11.89
N GLN A 205 2.74 -8.92 12.21
CA GLN A 205 1.96 -9.15 13.41
C GLN A 205 2.47 -8.41 14.64
N GLU A 206 3.71 -8.71 15.08
CA GLU A 206 4.26 -8.08 16.28
C GLU A 206 4.26 -6.55 16.17
N LEU A 207 4.57 -6.02 14.99
CA LEU A 207 4.59 -4.57 14.84
C LEU A 207 3.19 -3.97 14.90
N ILE A 208 2.21 -4.65 14.29
CA ILE A 208 0.84 -4.17 14.26
C ILE A 208 0.20 -4.19 15.65
N GLU A 209 0.60 -5.15 16.49
CA GLU A 209 0.07 -5.17 17.86
C GLU A 209 0.59 -4.00 18.68
N LYS A 210 1.82 -3.52 18.38
CA LYS A 210 2.44 -2.47 19.20
C LYS A 210 1.86 -1.10 18.91
N LEU A 211 1.38 -0.86 17.69
CA LEU A 211 0.78 0.42 17.34
C LEU A 211 -0.50 0.72 18.13
N TPO B 11 0.30 -17.62 -4.70
CA TPO B 11 0.43 -16.17 -4.45
CB TPO B 11 -0.96 -15.52 -4.33
CG2 TPO B 11 -1.86 -16.36 -3.41
OG1 TPO B 11 -0.78 -14.22 -3.74
P TPO B 11 -2.14 -13.35 -3.84
O1P TPO B 11 -2.87 -13.39 -2.54
O2P TPO B 11 -1.67 -11.88 -4.33
O3P TPO B 11 -3.12 -13.88 -5.00
C TPO B 11 1.30 -15.81 -3.21
O TPO B 11 2.28 -15.07 -3.32
N MET B 12 0.94 -16.39 -2.06
CA MET B 12 1.65 -16.21 -0.78
C MET B 12 2.03 -17.54 -0.14
N ILE B 13 3.34 -17.83 -0.06
CA ILE B 13 3.83 -19.10 0.46
C ILE B 13 4.42 -18.90 1.84
N GLU B 14 4.27 -19.92 2.66
CA GLU B 14 4.75 -19.93 4.05
C GLU B 14 6.00 -20.83 4.07
N PRO B 15 6.78 -20.92 5.21
CA PRO B 15 8.20 -21.26 5.07
C PRO B 15 8.71 -21.91 3.79
ZN ZN C . 14.85 -6.39 -0.84
#